data_5Z4J
#
_entry.id   5Z4J
#
_cell.length_a   61.633
_cell.length_b   84.840
_cell.length_c   148.307
_cell.angle_alpha   90.000
_cell.angle_beta   90.000
_cell.angle_gamma   90.000
#
_symmetry.space_group_name_H-M   'C 2 2 21'
#
loop_
_entity.id
_entity.type
_entity.pdbx_description
1 polymer 'Terminal uridylyltransferase Tailor'
2 polymer "RNA (5'-R(*UP*UP*UP*U)-3')"
3 water water
#
loop_
_entity_poly.entity_id
_entity_poly.type
_entity_poly.pdbx_seq_one_letter_code
_entity_poly.pdbx_strand_id
1 'polypeptide(L)'
;HMQHITVRLPKKARAMIVGEITNVFKDKYPIADKLKVIPEYDVIEQDLCKLLSPGFPKQPLRVYKFGSRITGIGNRSSDL
DLFVDIGNTFHTFEHRASNATVAKLRAMRKFFCDSEDWRLINFIEQARVPIIKTCHLPTGIECDICLNSMGFCNTNLLKY
IFESQPLTQYMCIYVKNWLERCKLTEQISTYSITLMVIYFLQLQALLPPIAMLQIEDAANQAVLVGPWVVNFAQKSFSEL
GLQQLKATVPVIKGFLRNFFAYFAKFDYEHFLVCPYIGQANVEIAKIERMLHARYSAYVSDNPECSIQLKKPMVVQDPIQ
LNHNVTKAVTKYGLQTFVDYCQQTAELLEEPSTNWRQRYAF
;
A
2 'polyribonucleotide' UUUU B
#
loop_
_chem_comp.id
_chem_comp.type
_chem_comp.name
_chem_comp.formula
U RNA linking URIDINE-5'-MONOPHOSPHATE 'C9 H13 N2 O9 P'
#
# COMPACT_ATOMS: atom_id res chain seq x y z
N MET A 2 -4.08 5.46 30.67
CA MET A 2 -2.91 4.88 31.32
C MET A 2 -1.69 5.03 30.42
N GLN A 3 -1.23 6.26 30.21
CA GLN A 3 -0.04 6.49 29.39
C GLN A 3 1.23 6.00 30.05
N HIS A 4 1.19 5.63 31.33
CA HIS A 4 2.36 5.22 32.09
C HIS A 4 2.56 3.71 32.14
N ILE A 5 1.64 2.93 31.57
CA ILE A 5 1.69 1.47 31.52
C ILE A 5 1.78 1.07 30.05
N THR A 6 2.63 0.10 29.75
CA THR A 6 2.70 -0.38 28.38
C THR A 6 1.46 -1.20 28.08
N VAL A 7 0.97 -1.09 26.85
CA VAL A 7 -0.11 -1.95 26.39
C VAL A 7 0.50 -3.31 26.10
N ARG A 8 -0.04 -4.37 26.72
CA ARG A 8 0.62 -5.67 26.61
C ARG A 8 0.38 -6.26 25.24
N LEU A 9 1.43 -6.83 24.69
CA LEU A 9 1.36 -7.48 23.39
C LEU A 9 0.32 -8.60 23.43
N PRO A 10 -0.60 -8.67 22.48
CA PRO A 10 -1.61 -9.73 22.55
C PRO A 10 -0.99 -11.12 22.44
N LYS A 11 -1.59 -12.07 23.16
CA LYS A 11 -1.03 -13.43 23.19
C LYS A 11 -0.97 -14.06 21.81
N LYS A 12 -1.94 -13.77 20.95
CA LYS A 12 -1.95 -14.32 19.61
C LYS A 12 -0.74 -13.89 18.82
N ALA A 13 -0.27 -12.66 19.05
CA ALA A 13 0.95 -12.21 18.39
C ALA A 13 2.17 -12.79 19.08
N ARG A 14 2.16 -12.81 20.40
CA ARG A 14 3.32 -13.31 21.14
C ARG A 14 3.67 -14.74 20.73
N ALA A 15 2.67 -15.60 20.51
CA ALA A 15 2.97 -16.98 20.17
C ALA A 15 3.65 -17.09 18.81
N MET A 16 3.32 -16.19 17.91
CA MET A 16 3.86 -16.21 16.55
C MET A 16 5.27 -15.68 16.50
N ILE A 17 5.55 -14.68 17.33
CA ILE A 17 6.89 -14.07 17.37
C ILE A 17 7.86 -15.06 18.01
N VAL A 18 7.58 -15.49 19.24
CA VAL A 18 8.41 -16.48 19.93
C VAL A 18 8.46 -17.81 19.20
N GLY A 19 7.48 -18.07 18.33
CA GLY A 19 7.57 -19.22 17.45
C GLY A 19 8.60 -19.00 16.35
N GLU A 20 9.07 -20.12 15.81
CA GLU A 20 10.12 -20.09 14.79
C GLU A 20 9.69 -19.24 13.61
N ILE A 21 10.66 -18.51 13.04
CA ILE A 21 10.40 -17.67 11.88
C ILE A 21 10.08 -18.52 10.65
N THR A 22 10.62 -19.74 10.60
CA THR A 22 10.33 -20.64 9.49
C THR A 22 8.84 -20.88 9.35
N ASN A 23 8.19 -21.30 10.45
CA ASN A 23 6.74 -21.54 10.47
C ASN A 23 5.95 -20.38 9.89
N VAL A 24 6.50 -19.18 9.99
CA VAL A 24 5.78 -18.02 9.49
C VAL A 24 5.69 -18.08 7.97
N PHE A 25 6.75 -18.53 7.33
CA PHE A 25 6.88 -18.44 5.89
C PHE A 25 6.78 -19.77 5.17
N LYS A 26 7.01 -20.90 5.85
CA LYS A 26 7.09 -22.18 5.15
C LYS A 26 5.97 -22.29 4.13
N ASP A 27 4.75 -21.95 4.53
CA ASP A 27 3.62 -21.92 3.61
C ASP A 27 3.36 -20.54 3.02
N LYS A 28 3.61 -19.45 3.78
CA LYS A 28 3.04 -18.14 3.40
C LYS A 28 3.77 -17.52 2.21
N TYR A 29 5.08 -17.63 2.15
CA TYR A 29 5.77 -17.01 1.02
C TYR A 29 5.46 -17.75 -0.27
N PRO A 30 5.61 -19.07 -0.36
CA PRO A 30 5.24 -19.75 -1.60
C PRO A 30 3.82 -19.48 -2.06
N ILE A 31 2.87 -19.43 -1.13
CA ILE A 31 1.50 -19.10 -1.49
C ILE A 31 1.44 -17.68 -2.05
N ALA A 32 2.04 -16.72 -1.34
CA ALA A 32 1.97 -15.32 -1.78
C ALA A 32 2.57 -15.15 -3.16
N ASP A 33 3.70 -15.80 -3.44
CA ASP A 33 4.30 -15.63 -4.75
C ASP A 33 3.47 -16.30 -5.83
N LYS A 34 2.87 -17.45 -5.53
CA LYS A 34 1.98 -18.09 -6.48
C LYS A 34 0.79 -17.20 -6.82
N LEU A 35 0.27 -16.47 -5.83
CA LEU A 35 -0.94 -15.68 -6.04
C LEU A 35 -0.70 -14.37 -6.78
N LYS A 36 0.54 -14.03 -7.14
CA LYS A 36 0.76 -12.89 -8.03
C LYS A 36 0.08 -13.05 -9.37
N VAL A 37 -0.01 -14.29 -9.86
CA VAL A 37 -0.56 -14.62 -11.18
C VAL A 37 -1.20 -15.99 -11.10
N ILE A 38 -2.52 -16.04 -11.25
CA ILE A 38 -3.24 -17.30 -11.42
C ILE A 38 -4.32 -17.10 -12.46
N PRO A 39 -4.76 -18.18 -13.11
CA PRO A 39 -5.69 -18.02 -14.22
C PRO A 39 -7.04 -17.48 -13.80
N GLU A 40 -7.42 -17.67 -12.54
CA GLU A 40 -8.66 -17.08 -12.06
C GLU A 40 -8.73 -15.58 -12.35
N TYR A 41 -7.60 -14.89 -12.30
CA TYR A 41 -7.68 -13.43 -12.45
C TYR A 41 -8.08 -13.05 -13.87
N ASP A 42 -7.70 -13.86 -14.86
CA ASP A 42 -8.12 -13.60 -16.24
C ASP A 42 -9.62 -13.81 -16.39
N VAL A 43 -10.17 -14.81 -15.71
CA VAL A 43 -11.61 -15.04 -15.73
C VAL A 43 -12.34 -13.83 -15.16
N ILE A 44 -11.88 -13.36 -14.01
CA ILE A 44 -12.50 -12.20 -13.37
C ILE A 44 -12.44 -10.99 -14.29
N GLU A 45 -11.25 -10.71 -14.83
CA GLU A 45 -11.07 -9.60 -15.78
C GLU A 45 -12.08 -9.71 -16.92
N GLN A 46 -12.09 -10.86 -17.59
CA GLN A 46 -12.96 -11.03 -18.74
C GLN A 46 -14.42 -10.87 -18.34
N ASP A 47 -14.79 -11.46 -17.21
CA ASP A 47 -16.18 -11.40 -16.77
C ASP A 47 -16.57 -9.96 -16.45
N LEU A 48 -15.66 -9.20 -15.86
CA LEU A 48 -15.98 -7.82 -15.50
C LEU A 48 -16.16 -6.96 -16.75
N CYS A 49 -15.33 -7.16 -17.76
CA CYS A 49 -15.52 -6.43 -19.00
C CYS A 49 -16.84 -6.80 -19.66
N LYS A 50 -17.09 -8.11 -19.82
CA LYS A 50 -18.35 -8.57 -20.37
C LYS A 50 -19.53 -7.91 -19.67
N LEU A 51 -19.45 -7.80 -18.35
CA LEU A 51 -20.55 -7.28 -17.53
C LEU A 51 -20.79 -5.81 -17.80
N LEU A 52 -19.73 -4.99 -17.77
CA LEU A 52 -19.89 -3.54 -17.70
C LEU A 52 -19.94 -2.87 -19.06
N SER A 53 -19.35 -3.48 -20.09
CA SER A 53 -19.29 -2.89 -21.42
C SER A 53 -20.66 -2.37 -21.86
N PRO A 54 -21.65 -3.24 -21.97
CA PRO A 54 -22.98 -2.76 -22.42
C PRO A 54 -23.47 -1.54 -21.64
N GLY A 55 -23.06 -1.39 -20.38
CA GLY A 55 -23.49 -0.26 -19.58
C GLY A 55 -22.82 1.06 -19.94
N PHE A 56 -21.75 1.00 -20.73
CA PHE A 56 -20.98 2.17 -21.14
C PHE A 56 -20.58 1.97 -22.59
N PRO A 57 -21.56 1.85 -23.47
CA PRO A 57 -21.25 1.66 -24.88
C PRO A 57 -20.55 2.89 -25.45
N LYS A 58 -19.66 2.64 -26.40
CA LYS A 58 -18.90 3.72 -27.03
C LYS A 58 -17.98 4.41 -26.03
N GLN A 59 -17.40 3.63 -25.11
CA GLN A 59 -16.38 4.14 -24.20
C GLN A 59 -15.34 3.04 -24.07
N PRO A 60 -14.06 3.35 -24.16
CA PRO A 60 -13.05 2.33 -23.91
C PRO A 60 -13.17 1.82 -22.48
N LEU A 61 -12.84 0.54 -22.30
CA LEU A 61 -12.93 -0.06 -20.98
C LEU A 61 -11.72 -0.96 -20.77
N ARG A 62 -11.05 -0.76 -19.64
CA ARG A 62 -9.86 -1.52 -19.31
C ARG A 62 -9.88 -1.78 -17.81
N VAL A 63 -9.49 -2.98 -17.42
CA VAL A 63 -9.48 -3.41 -16.02
C VAL A 63 -8.02 -3.60 -15.60
N TYR A 64 -7.67 -3.06 -14.44
CA TYR A 64 -6.31 -3.14 -13.92
C TYR A 64 -6.35 -3.79 -12.54
N LYS A 65 -5.60 -4.86 -12.35
CA LYS A 65 -5.57 -5.55 -11.06
C LYS A 65 -4.49 -4.96 -10.17
N PHE A 66 -4.78 -4.85 -8.88
CA PHE A 66 -3.79 -4.34 -7.96
C PHE A 66 -3.98 -4.93 -6.57
N GLY A 67 -3.13 -4.47 -5.66
CA GLY A 67 -3.25 -4.82 -4.25
C GLY A 67 -2.35 -5.98 -3.86
N SER A 68 -2.60 -6.53 -2.66
CA SER A 68 -1.64 -7.45 -2.05
C SER A 68 -1.46 -8.74 -2.86
N ARG A 69 -2.53 -9.25 -3.48
CA ARG A 69 -2.33 -10.46 -4.31
C ARG A 69 -1.28 -10.19 -5.39
N ILE A 70 -1.43 -9.05 -6.07
CA ILE A 70 -0.66 -8.74 -7.27
C ILE A 70 0.79 -8.41 -6.90
N THR A 71 1.01 -7.78 -5.76
CA THR A 71 2.39 -7.47 -5.35
C THR A 71 3.13 -8.65 -4.80
N GLY A 72 2.43 -9.64 -4.26
CA GLY A 72 3.10 -10.81 -3.74
C GLY A 72 3.12 -10.94 -2.22
N ILE A 73 2.12 -10.35 -1.53
CA ILE A 73 2.00 -10.57 -0.10
C ILE A 73 0.61 -11.06 0.31
N GLY A 74 -0.12 -11.62 -0.63
CA GLY A 74 -1.46 -12.07 -0.35
C GLY A 74 -1.54 -13.51 0.14
N ASN A 75 -2.74 -13.89 0.51
CA ASN A 75 -3.07 -15.26 0.87
C ASN A 75 -4.42 -15.62 0.25
N ARG A 76 -4.84 -16.86 0.47
CA ARG A 76 -6.01 -17.34 -0.27
C ARG A 76 -7.25 -16.56 0.11
N SER A 77 -7.26 -15.93 1.28
CA SER A 77 -8.47 -15.21 1.69
C SER A 77 -8.41 -13.72 1.30
N SER A 78 -7.32 -13.27 0.68
CA SER A 78 -7.16 -11.89 0.25
C SER A 78 -8.18 -11.49 -0.81
N ASP A 79 -8.62 -10.23 -0.75
CA ASP A 79 -9.39 -9.65 -1.83
C ASP A 79 -8.51 -9.41 -3.05
N LEU A 80 -9.16 -9.22 -4.18
CA LEU A 80 -8.49 -8.75 -5.37
C LEU A 80 -9.00 -7.34 -5.64
N ASP A 81 -8.08 -6.39 -5.73
CA ASP A 81 -8.47 -5.01 -6.01
C ASP A 81 -8.45 -4.75 -7.51
N LEU A 82 -9.47 -4.07 -8.02
CA LEU A 82 -9.62 -3.85 -9.45
C LEU A 82 -9.94 -2.40 -9.71
N PHE A 83 -9.17 -1.76 -10.57
CA PHE A 83 -9.48 -0.44 -11.10
C PHE A 83 -10.09 -0.58 -12.48
N VAL A 84 -11.32 -0.06 -12.64
CA VAL A 84 -12.02 -0.07 -13.91
C VAL A 84 -11.88 1.32 -14.52
N ASP A 85 -11.22 1.36 -15.65
CA ASP A 85 -11.02 2.62 -16.36
C ASP A 85 -12.02 2.66 -17.50
N ILE A 86 -13.03 3.51 -17.34
CA ILE A 86 -14.06 3.73 -18.34
C ILE A 86 -13.80 5.11 -18.93
N GLY A 87 -13.44 5.15 -20.20
CA GLY A 87 -13.25 6.45 -20.86
C GLY A 87 -11.95 7.17 -20.55
N ASN A 88 -10.85 6.44 -20.47
CA ASN A 88 -9.52 7.04 -20.30
C ASN A 88 -9.44 8.03 -19.13
N THR A 89 -9.75 7.51 -17.94
CA THR A 89 -9.65 8.28 -16.71
C THR A 89 -8.36 8.03 -15.97
N PHE A 90 -7.48 7.16 -16.50
CA PHE A 90 -6.30 6.74 -15.77
C PHE A 90 -5.49 7.93 -15.26
N HIS A 91 -5.33 8.96 -16.07
CA HIS A 91 -4.41 10.04 -15.73
C HIS A 91 -5.10 11.18 -15.02
N THR A 92 -6.35 10.99 -14.60
CA THR A 92 -7.11 11.99 -13.87
C THR A 92 -7.04 11.70 -12.37
N PHE A 93 -6.66 12.69 -11.58
CA PHE A 93 -6.57 12.52 -10.14
C PHE A 93 -7.76 13.20 -9.48
N GLU A 94 -8.38 12.50 -8.53
CA GLU A 94 -9.47 13.02 -7.71
C GLU A 94 -9.16 12.58 -6.29
N HIS A 95 -8.75 13.52 -5.44
CA HIS A 95 -8.44 13.14 -4.07
C HIS A 95 -9.68 12.58 -3.39
N ARG A 96 -10.80 13.29 -3.55
CA ARG A 96 -12.11 12.74 -3.30
C ARG A 96 -12.90 12.65 -4.61
N ALA A 97 -13.68 11.59 -4.77
CA ALA A 97 -14.35 11.36 -6.04
C ALA A 97 -15.26 12.50 -6.42
N SER A 98 -15.29 12.77 -7.71
CA SER A 98 -16.17 13.79 -8.25
C SER A 98 -17.58 13.25 -8.33
N ASN A 99 -18.53 14.16 -8.54
CA ASN A 99 -19.91 13.73 -8.71
C ASN A 99 -20.05 12.84 -9.94
N ALA A 100 -19.25 13.09 -10.99
CA ALA A 100 -19.29 12.23 -12.17
C ALA A 100 -18.79 10.83 -11.87
N THR A 101 -17.70 10.73 -11.10
CA THR A 101 -17.20 9.44 -10.68
C THR A 101 -18.22 8.67 -9.83
N VAL A 102 -18.82 9.35 -8.86
CA VAL A 102 -19.86 8.69 -8.05
C VAL A 102 -21.03 8.23 -8.92
N ALA A 103 -21.38 9.01 -9.94
CA ALA A 103 -22.47 8.61 -10.82
C ALA A 103 -22.11 7.34 -11.60
N LYS A 104 -20.85 7.21 -12.03
CA LYS A 104 -20.46 6.00 -12.73
C LYS A 104 -20.51 4.82 -11.80
N LEU A 105 -20.05 5.01 -10.56
CA LEU A 105 -20.04 3.89 -9.63
C LEU A 105 -21.47 3.49 -9.29
N ARG A 106 -22.35 4.46 -9.09
CA ARG A 106 -23.76 4.17 -8.85
C ARG A 106 -24.35 3.34 -9.98
N ALA A 107 -23.99 3.68 -11.23
CA ALA A 107 -24.56 2.95 -12.36
C ALA A 107 -24.00 1.53 -12.41
N MET A 108 -22.78 1.34 -11.94
CA MET A 108 -22.18 0.01 -11.96
C MET A 108 -22.87 -0.91 -10.98
N ARG A 109 -23.39 -0.37 -9.87
CA ARG A 109 -23.93 -1.20 -8.80
C ARG A 109 -24.98 -2.18 -9.32
N LYS A 110 -25.93 -1.68 -10.12
CA LYS A 110 -27.05 -2.53 -10.52
C LYS A 110 -26.60 -3.70 -11.39
N PHE A 111 -25.49 -3.53 -12.11
CA PHE A 111 -24.95 -4.62 -12.93
C PHE A 111 -24.51 -5.79 -12.05
N PHE A 112 -23.82 -5.51 -10.97
CA PHE A 112 -23.41 -6.60 -10.10
C PHE A 112 -24.61 -7.23 -9.40
N CYS A 113 -25.58 -6.41 -8.99
CA CYS A 113 -26.79 -6.96 -8.39
C CYS A 113 -27.50 -7.89 -9.36
N ASP A 114 -27.65 -7.46 -10.61
CA ASP A 114 -28.49 -8.20 -11.54
C ASP A 114 -27.80 -9.45 -12.09
N SER A 115 -26.47 -9.49 -12.09
CA SER A 115 -25.73 -10.64 -12.61
C SER A 115 -25.71 -11.78 -11.62
N GLU A 116 -25.97 -12.98 -12.13
CA GLU A 116 -25.81 -14.18 -11.31
C GLU A 116 -24.35 -14.48 -11.01
N ASP A 117 -23.41 -13.94 -11.78
CA ASP A 117 -21.99 -14.22 -11.57
C ASP A 117 -21.38 -13.44 -10.42
N TRP A 118 -22.12 -12.51 -9.83
CA TRP A 118 -21.54 -11.63 -8.83
C TRP A 118 -22.51 -11.46 -7.66
N ARG A 119 -21.97 -11.49 -6.45
CA ARG A 119 -22.73 -11.18 -5.25
C ARG A 119 -22.30 -9.81 -4.75
N LEU A 120 -23.24 -8.87 -4.70
CA LEU A 120 -22.90 -7.55 -4.15
C LEU A 120 -22.76 -7.67 -2.64
N ILE A 121 -21.62 -7.24 -2.13
CA ILE A 121 -21.33 -7.27 -0.70
C ILE A 121 -21.58 -5.91 -0.07
N ASN A 122 -21.03 -4.87 -0.65
CA ASN A 122 -21.22 -3.53 -0.11
C ASN A 122 -20.98 -2.52 -1.21
N PHE A 123 -21.67 -1.39 -1.10
CA PHE A 123 -21.50 -0.25 -1.98
C PHE A 123 -21.07 0.91 -1.10
N ILE A 124 -19.82 1.33 -1.22
CA ILE A 124 -19.28 2.35 -0.33
C ILE A 124 -19.01 3.63 -1.11
N GLU A 125 -20.00 4.50 -1.22
CA GLU A 125 -19.76 5.71 -1.99
C GLU A 125 -19.22 6.85 -1.14
N GLN A 126 -19.27 6.75 0.19
CA GLN A 126 -18.86 7.86 1.03
C GLN A 126 -17.36 7.86 1.30
N ALA A 127 -16.65 6.80 0.95
CA ALA A 127 -15.21 6.73 1.19
C ALA A 127 -14.43 7.72 0.32
N ARG A 128 -13.21 8.05 0.77
CA ARG A 128 -12.34 8.89 -0.04
C ARG A 128 -12.11 8.24 -1.40
N VAL A 129 -11.91 6.93 -1.41
CA VAL A 129 -11.88 6.17 -2.65
C VAL A 129 -13.12 5.28 -2.65
N PRO A 130 -14.19 5.70 -3.31
CA PRO A 130 -15.43 4.91 -3.29
C PRO A 130 -15.17 3.59 -3.96
N ILE A 131 -15.79 2.53 -3.43
CA ILE A 131 -15.61 1.17 -3.95
C ILE A 131 -16.91 0.39 -3.92
N ILE A 132 -16.96 -0.59 -4.81
CA ILE A 132 -17.95 -1.65 -4.83
C ILE A 132 -17.23 -2.90 -4.38
N LYS A 133 -17.73 -3.53 -3.33
CA LYS A 133 -17.21 -4.80 -2.86
C LYS A 133 -18.16 -5.88 -3.35
N THR A 134 -17.62 -6.86 -4.03
CA THR A 134 -18.44 -7.88 -4.65
C THR A 134 -17.65 -9.18 -4.69
N CYS A 135 -18.36 -10.30 -4.64
CA CYS A 135 -17.73 -11.63 -4.77
C CYS A 135 -17.94 -12.17 -6.18
N HIS A 136 -16.85 -12.55 -6.85
CA HIS A 136 -16.94 -13.19 -8.15
C HIS A 136 -17.27 -14.66 -7.92
N LEU A 137 -18.50 -15.07 -8.22
CA LEU A 137 -18.94 -16.36 -7.69
C LEU A 137 -18.26 -17.56 -8.35
N PRO A 138 -17.97 -17.51 -9.65
CA PRO A 138 -17.28 -18.66 -10.26
C PRO A 138 -15.96 -18.98 -9.58
N THR A 139 -15.21 -17.98 -9.14
CA THR A 139 -13.94 -18.21 -8.48
C THR A 139 -14.01 -18.10 -6.97
N GLY A 140 -15.05 -17.48 -6.41
CA GLY A 140 -15.10 -17.25 -4.98
C GLY A 140 -14.24 -16.12 -4.47
N ILE A 141 -13.59 -15.35 -5.36
CA ILE A 141 -12.65 -14.32 -4.96
C ILE A 141 -13.40 -13.02 -4.72
N GLU A 142 -13.18 -12.42 -3.57
CA GLU A 142 -13.79 -11.13 -3.24
C GLU A 142 -13.03 -10.02 -3.95
N CYS A 143 -13.74 -9.07 -4.56
CA CYS A 143 -13.13 -8.01 -5.35
C CYS A 143 -13.54 -6.65 -4.82
N ASP A 144 -12.58 -5.73 -4.69
CA ASP A 144 -12.87 -4.33 -4.41
C ASP A 144 -12.68 -3.57 -5.71
N ILE A 145 -13.73 -2.93 -6.21
CA ILE A 145 -13.72 -2.31 -7.52
C ILE A 145 -13.78 -0.81 -7.33
N CYS A 146 -12.83 -0.10 -7.94
CA CYS A 146 -12.76 1.35 -7.79
C CYS A 146 -12.53 1.99 -9.14
N LEU A 147 -12.59 3.31 -9.14
CA LEU A 147 -12.45 4.13 -10.32
C LEU A 147 -11.26 5.09 -10.21
N ASN A 148 -10.28 4.73 -9.40
CA ASN A 148 -9.14 5.56 -9.06
C ASN A 148 -7.88 4.76 -9.38
N SER A 149 -7.02 5.31 -10.25
CA SER A 149 -5.85 4.58 -10.74
C SER A 149 -4.67 4.56 -9.80
N MET A 150 -4.69 5.26 -8.68
CA MET A 150 -3.44 5.42 -7.93
C MET A 150 -2.99 4.13 -7.25
N GLY A 151 -3.92 3.31 -6.81
CA GLY A 151 -3.54 2.04 -6.18
C GLY A 151 -2.81 1.13 -7.14
N PHE A 152 -3.29 1.04 -8.38
CA PHE A 152 -2.56 0.30 -9.40
C PHE A 152 -1.15 0.86 -9.57
N CYS A 153 -1.03 2.19 -9.58
CA CYS A 153 0.29 2.77 -9.73
C CYS A 153 1.22 2.36 -8.60
N ASN A 154 0.79 2.47 -7.34
CA ASN A 154 1.71 2.11 -6.26
C ASN A 154 1.92 0.60 -6.21
N THR A 155 0.97 -0.20 -6.70
CA THR A 155 1.19 -1.64 -6.80
C THR A 155 2.37 -1.96 -7.73
N ASN A 156 2.46 -1.26 -8.87
CA ASN A 156 3.53 -1.53 -9.82
C ASN A 156 4.87 -1.15 -9.20
N LEU A 157 4.88 -0.09 -8.38
CA LEU A 157 6.10 0.30 -7.68
C LEU A 157 6.49 -0.78 -6.67
N LEU A 158 5.55 -1.21 -5.83
CA LEU A 158 5.83 -2.25 -4.84
C LEU A 158 6.32 -3.51 -5.53
N LYS A 159 5.73 -3.86 -6.67
CA LYS A 159 6.15 -5.06 -7.38
C LYS A 159 7.62 -4.97 -7.77
N TYR A 160 8.01 -3.82 -8.33
CA TYR A 160 9.41 -3.62 -8.70
C TYR A 160 10.30 -3.74 -7.48
N ILE A 161 9.90 -3.11 -6.38
CA ILE A 161 10.69 -3.14 -5.15
C ILE A 161 10.82 -4.57 -4.63
N PHE A 162 9.70 -5.30 -4.58
CA PHE A 162 9.72 -6.65 -4.01
C PHE A 162 10.52 -7.61 -4.87
N GLU A 163 10.35 -7.51 -6.18
CA GLU A 163 11.12 -8.37 -7.09
C GLU A 163 12.62 -8.07 -7.06
N SER A 164 13.00 -6.80 -6.92
CA SER A 164 14.42 -6.44 -6.84
C SER A 164 15.06 -6.81 -5.52
N GLN A 165 14.31 -6.76 -4.43
CA GLN A 165 14.86 -6.94 -3.09
C GLN A 165 13.87 -7.78 -2.30
N PRO A 166 13.86 -9.09 -2.51
CA PRO A 166 12.81 -9.96 -1.94
C PRO A 166 12.71 -9.93 -0.43
N LEU A 167 13.79 -9.60 0.28
CA LEU A 167 13.71 -9.39 1.73
C LEU A 167 12.52 -8.50 2.08
N THR A 168 12.29 -7.47 1.28
CA THR A 168 11.17 -6.56 1.49
C THR A 168 9.86 -7.32 1.51
N GLN A 169 9.71 -8.28 0.61
CA GLN A 169 8.48 -9.03 0.48
C GLN A 169 8.27 -9.95 1.68
N TYR A 170 9.32 -10.65 2.09
CA TYR A 170 9.23 -11.48 3.28
C TYR A 170 8.84 -10.63 4.49
N MET A 171 9.50 -9.48 4.65
CA MET A 171 9.19 -8.62 5.79
C MET A 171 7.76 -8.16 5.77
N CYS A 172 7.24 -7.77 4.60
CA CYS A 172 5.85 -7.31 4.52
C CYS A 172 4.86 -8.43 4.85
N ILE A 173 5.17 -9.68 4.42
CA ILE A 173 4.29 -10.79 4.77
C ILE A 173 4.27 -10.98 6.27
N TYR A 174 5.44 -10.90 6.90
CA TYR A 174 5.53 -11.03 8.36
C TYR A 174 4.76 -9.91 9.05
N VAL A 175 5.03 -8.66 8.71
CA VAL A 175 4.40 -7.58 9.44
C VAL A 175 2.91 -7.49 9.14
N LYS A 176 2.47 -7.88 7.94
CA LYS A 176 1.04 -8.00 7.66
C LYS A 176 0.36 -8.93 8.67
N ASN A 177 0.95 -10.10 8.85
CA ASN A 177 0.40 -11.09 9.78
C ASN A 177 0.48 -10.60 11.23
N TRP A 178 1.61 -9.99 11.59
CA TRP A 178 1.76 -9.36 12.91
C TRP A 178 0.65 -8.35 13.19
N LEU A 179 0.31 -7.50 12.21
CA LEU A 179 -0.75 -6.51 12.42
C LEU A 179 -2.09 -7.15 12.69
N GLU A 180 -2.41 -8.21 11.93
CA GLU A 180 -3.65 -8.92 12.15
C GLU A 180 -3.69 -9.56 13.53
N ARG A 181 -2.58 -10.16 13.97
CA ARG A 181 -2.58 -10.82 15.26
C ARG A 181 -2.62 -9.82 16.41
N CYS A 182 -2.05 -8.64 16.21
CA CYS A 182 -2.14 -7.57 17.19
C CYS A 182 -3.45 -6.83 17.15
N LYS A 183 -4.33 -7.14 16.19
CA LYS A 183 -5.62 -6.48 16.08
C LYS A 183 -5.46 -4.97 15.90
N LEU A 184 -4.50 -4.57 15.05
CA LEU A 184 -4.22 -3.19 14.74
C LEU A 184 -4.74 -2.76 13.38
N THR A 185 -5.41 -3.66 12.65
CA THR A 185 -5.72 -3.34 11.25
C THR A 185 -6.74 -2.21 11.14
N GLU A 186 -7.59 -2.01 12.15
CA GLU A 186 -8.54 -0.90 12.10
C GLU A 186 -7.83 0.45 12.06
N GLN A 187 -6.56 0.51 12.48
CA GLN A 187 -5.81 1.77 12.52
C GLN A 187 -4.66 1.81 11.54
N ILE A 188 -3.92 0.73 11.43
CA ILE A 188 -2.75 0.66 10.56
C ILE A 188 -3.01 -0.41 9.48
N SER A 189 -2.99 0.00 8.22
CA SER A 189 -3.30 -0.90 7.12
C SER A 189 -2.07 -1.68 6.71
N THR A 190 -2.29 -2.75 5.95
CA THR A 190 -1.16 -3.48 5.38
C THR A 190 -0.32 -2.57 4.48
N TYR A 191 -0.97 -1.71 3.70
CA TYR A 191 -0.25 -0.80 2.83
C TYR A 191 0.61 0.17 3.65
N SER A 192 0.08 0.69 4.76
CA SER A 192 0.85 1.60 5.59
C SER A 192 2.13 0.95 6.09
N ILE A 193 2.02 -0.28 6.56
CA ILE A 193 3.22 -0.90 7.11
C ILE A 193 4.15 -1.36 6.01
N THR A 194 3.64 -1.61 4.81
CA THR A 194 4.50 -1.84 3.67
C THR A 194 5.39 -0.63 3.40
N LEU A 195 4.81 0.57 3.44
CA LEU A 195 5.62 1.76 3.25
C LEU A 195 6.65 1.91 4.36
N MET A 196 6.26 1.58 5.60
CA MET A 196 7.22 1.62 6.71
C MET A 196 8.38 0.66 6.51
N VAL A 197 8.12 -0.56 6.02
CA VAL A 197 9.21 -1.50 5.71
C VAL A 197 10.10 -0.92 4.62
N ILE A 198 9.49 -0.37 3.58
CA ILE A 198 10.27 0.23 2.48
C ILE A 198 11.16 1.33 3.02
N TYR A 199 10.60 2.23 3.82
CA TYR A 199 11.39 3.34 4.36
C TYR A 199 12.51 2.83 5.24
N PHE A 200 12.23 1.88 6.13
CA PHE A 200 13.28 1.30 6.96
C PHE A 200 14.43 0.71 6.11
N LEU A 201 14.11 0.03 5.03
CA LEU A 201 15.18 -0.54 4.22
C LEU A 201 15.91 0.50 3.37
N GLN A 202 15.25 1.58 2.98
CA GLN A 202 15.96 2.70 2.37
C GLN A 202 17.01 3.24 3.30
N LEU A 203 16.70 3.29 4.59
CA LEU A 203 17.66 3.83 5.54
C LEU A 203 18.87 2.94 5.65
N GLN A 204 18.71 1.65 5.35
CA GLN A 204 19.78 0.67 5.33
C GLN A 204 20.50 0.59 3.98
N ALA A 205 20.22 1.52 3.05
CA ALA A 205 20.78 1.50 1.71
C ALA A 205 20.44 0.22 0.94
N LEU A 206 19.27 -0.36 1.21
CA LEU A 206 18.85 -1.58 0.51
C LEU A 206 17.75 -1.32 -0.49
N LEU A 207 17.21 -0.11 -0.53
CA LEU A 207 16.19 0.31 -1.48
C LEU A 207 16.45 1.77 -1.84
N PRO A 208 16.10 2.19 -3.06
CA PRO A 208 16.33 3.57 -3.46
C PRO A 208 15.24 4.48 -2.91
N PRO A 209 15.55 5.74 -2.65
CA PRO A 209 14.46 6.73 -2.55
C PRO A 209 13.65 6.76 -3.84
N ILE A 210 12.33 6.85 -3.69
CA ILE A 210 11.46 6.90 -4.87
C ILE A 210 11.79 8.14 -5.70
N ALA A 211 12.14 9.25 -5.04
CA ALA A 211 12.46 10.46 -5.76
C ALA A 211 13.64 10.26 -6.69
N MET A 212 14.60 9.40 -6.30
CA MET A 212 15.74 9.15 -7.14
C MET A 212 15.37 8.36 -8.40
N LEU A 213 14.28 7.58 -8.34
CA LEU A 213 13.79 6.87 -9.50
C LEU A 213 12.97 7.76 -10.45
N GLN A 214 12.67 8.99 -10.05
CA GLN A 214 11.77 9.89 -10.78
C GLN A 214 12.44 11.18 -11.17
N ILE A 215 13.75 11.14 -11.40
CA ILE A 215 14.44 12.31 -11.95
C ILE A 215 13.89 12.61 -13.34
N GLU A 216 13.67 13.91 -13.63
CA GLU A 216 13.05 14.35 -14.87
C GLU A 216 14.09 15.12 -15.68
N ASP A 217 14.52 14.54 -16.80
CA ASP A 217 15.61 15.08 -17.61
C ASP A 217 15.39 14.60 -19.03
N ALA A 218 16.42 14.73 -19.88
CA ALA A 218 16.26 14.38 -21.29
C ALA A 218 15.83 12.93 -21.49
N ALA A 219 16.28 12.01 -20.63
CA ALA A 219 16.03 10.60 -20.86
C ALA A 219 14.77 10.09 -20.20
N ASN A 220 14.24 10.81 -19.21
CA ASN A 220 13.08 10.32 -18.46
C ASN A 220 12.10 11.46 -18.26
N GLN A 221 10.89 11.26 -18.72
CA GLN A 221 9.78 12.14 -18.41
C GLN A 221 8.75 11.41 -17.57
N ALA A 222 8.01 12.20 -16.78
CA ALA A 222 6.99 11.70 -15.90
C ALA A 222 5.69 11.25 -16.61
N VAL A 223 5.16 10.12 -16.16
CA VAL A 223 3.75 9.75 -16.34
C VAL A 223 3.01 10.45 -15.23
N LEU A 224 2.09 11.35 -15.58
CA LEU A 224 1.39 12.12 -14.57
C LEU A 224 -0.04 11.66 -14.41
N VAL A 225 -0.45 11.47 -13.15
CA VAL A 225 -1.85 11.31 -12.79
C VAL A 225 -2.19 12.56 -11.98
N GLY A 226 -2.92 13.49 -12.56
CA GLY A 226 -2.95 14.82 -12.01
C GLY A 226 -1.54 15.32 -11.75
N PRO A 227 -1.25 15.77 -10.53
CA PRO A 227 0.09 16.30 -10.24
C PRO A 227 1.10 15.24 -9.85
N TRP A 228 0.72 13.97 -9.82
CA TRP A 228 1.56 12.94 -9.24
C TRP A 228 2.36 12.26 -10.32
N VAL A 229 3.62 12.01 -10.03
CA VAL A 229 4.50 11.26 -10.91
C VAL A 229 4.36 9.80 -10.51
N VAL A 230 3.85 8.97 -11.41
CA VAL A 230 3.46 7.62 -11.04
C VAL A 230 4.38 6.56 -11.64
N ASN A 231 5.22 6.91 -12.59
CA ASN A 231 6.18 6.00 -13.17
C ASN A 231 7.50 6.16 -12.44
N PHE A 232 8.47 5.35 -12.83
CA PHE A 232 9.76 5.35 -12.18
C PHE A 232 10.71 4.62 -13.10
N ALA A 233 12.00 4.93 -12.98
CA ALA A 233 13.00 4.22 -13.76
C ALA A 233 13.13 2.79 -13.23
N GLN A 234 12.99 1.80 -14.11
CA GLN A 234 13.03 0.40 -13.70
C GLN A 234 14.44 -0.15 -13.88
N LYS A 235 15.40 0.55 -13.29
CA LYS A 235 16.81 0.19 -13.37
C LYS A 235 17.09 -1.01 -12.50
N SER A 236 18.04 -1.83 -12.93
CA SER A 236 18.52 -2.88 -12.05
C SER A 236 19.16 -2.27 -10.81
N PHE A 237 19.10 -3.02 -9.70
CA PHE A 237 19.80 -2.56 -8.50
C PHE A 237 21.30 -2.55 -8.72
N SER A 238 21.80 -3.40 -9.63
CA SER A 238 23.20 -3.31 -10.01
C SER A 238 23.55 -1.93 -10.53
N GLU A 239 22.70 -1.36 -11.39
CA GLU A 239 22.98 -0.02 -11.91
C GLU A 239 22.76 1.04 -10.84
N LEU A 240 21.81 0.84 -9.93
CA LEU A 240 21.62 1.77 -8.84
C LEU A 240 22.70 1.67 -7.79
N GLY A 241 23.50 0.63 -7.79
CA GLY A 241 24.54 0.49 -6.80
C GLY A 241 24.06 -0.03 -5.47
N LEU A 242 22.99 -0.84 -5.46
CA LEU A 242 22.40 -1.40 -4.23
C LEU A 242 22.56 -2.91 -4.21
N GLN A 243 23.03 -3.45 -3.10
CA GLN A 243 23.19 -4.89 -3.05
C GLN A 243 21.82 -5.57 -2.97
N GLN A 244 21.76 -6.80 -3.48
CA GLN A 244 20.55 -7.60 -3.46
C GLN A 244 20.81 -8.83 -2.59
N LEU A 245 20.09 -8.91 -1.47
CA LEU A 245 20.32 -9.95 -0.46
C LEU A 245 19.48 -11.19 -0.71
N LYS A 246 20.02 -12.34 -0.32
CA LYS A 246 19.21 -13.55 -0.28
C LYS A 246 18.51 -13.59 1.08
N ALA A 247 17.18 -13.67 1.04
CA ALA A 247 16.39 -13.86 2.24
C ALA A 247 16.68 -15.23 2.80
N THR A 248 17.17 -15.25 4.03
CA THR A 248 17.27 -16.45 4.82
C THR A 248 16.59 -16.18 6.14
N VAL A 249 16.22 -17.24 6.85
CA VAL A 249 15.54 -17.05 8.14
C VAL A 249 16.37 -16.16 9.06
N PRO A 250 17.67 -16.39 9.24
CA PRO A 250 18.47 -15.51 10.11
C PRO A 250 18.51 -14.08 9.65
N VAL A 251 18.68 -13.83 8.34
CA VAL A 251 18.72 -12.47 7.82
C VAL A 251 17.39 -11.79 8.07
N ILE A 252 16.29 -12.51 7.83
CA ILE A 252 14.96 -11.92 8.00
C ILE A 252 14.72 -11.57 9.46
N LYS A 253 15.07 -12.48 10.36
CA LYS A 253 14.83 -12.24 11.78
C LYS A 253 15.59 -11.03 12.26
N GLY A 254 16.85 -10.86 11.81
CA GLY A 254 17.64 -9.71 12.22
C GLY A 254 17.08 -8.39 11.69
N PHE A 255 16.60 -8.38 10.44
CA PHE A 255 16.00 -7.15 9.92
C PHE A 255 14.67 -6.84 10.61
N LEU A 256 13.88 -7.86 10.94
CA LEU A 256 12.62 -7.60 11.64
C LEU A 256 12.87 -7.05 13.05
N ARG A 257 13.84 -7.62 13.75
CA ARG A 257 14.17 -7.08 15.08
C ARG A 257 14.51 -5.60 14.98
N ASN A 258 15.36 -5.23 14.03
CA ASN A 258 15.73 -3.83 13.88
C ASN A 258 14.57 -2.97 13.38
N PHE A 259 13.71 -3.52 12.53
CA PHE A 259 12.52 -2.80 12.09
C PHE A 259 11.65 -2.41 13.28
N PHE A 260 11.30 -3.39 14.13
CA PHE A 260 10.45 -3.12 15.28
C PHE A 260 11.18 -2.23 16.28
N ALA A 261 12.47 -2.45 16.50
CA ALA A 261 13.21 -1.56 17.37
C ALA A 261 13.17 -0.12 16.86
N TYR A 262 13.34 0.07 15.55
CA TYR A 262 13.33 1.41 14.96
C TYR A 262 11.99 2.12 15.18
N PHE A 263 10.87 1.46 14.87
CA PHE A 263 9.60 2.14 14.99
C PHE A 263 9.13 2.21 16.43
N ALA A 264 9.70 1.40 17.32
CA ALA A 264 9.45 1.59 18.74
C ALA A 264 10.02 2.91 19.23
N LYS A 265 11.14 3.36 18.66
CA LYS A 265 11.81 4.55 19.16
C LYS A 265 11.71 5.75 18.23
N PHE A 266 10.95 5.65 17.14
CA PHE A 266 10.78 6.75 16.19
C PHE A 266 10.08 7.93 16.84
N ASP A 267 10.47 9.16 16.46
CA ASP A 267 9.88 10.36 17.05
C ASP A 267 8.78 10.84 16.10
N TYR A 268 7.56 10.32 16.33
CA TYR A 268 6.41 10.62 15.47
C TYR A 268 5.92 12.03 15.64
N GLU A 269 6.36 12.72 16.70
CA GLU A 269 5.94 14.09 16.90
C GLU A 269 6.62 15.02 15.90
N HIS A 270 7.86 14.75 15.50
CA HIS A 270 8.59 15.66 14.62
C HIS A 270 8.95 15.10 13.25
N PHE A 271 8.90 13.80 13.05
CA PHE A 271 9.36 13.21 11.82
C PHE A 271 8.25 12.35 11.20
N LEU A 272 8.34 12.17 9.89
CA LEU A 272 7.42 11.33 9.16
C LEU A 272 8.15 10.21 8.44
N VAL A 273 7.43 9.11 8.23
CA VAL A 273 7.90 8.01 7.39
C VAL A 273 7.74 8.46 5.94
N CYS A 274 8.85 8.51 5.21
CA CYS A 274 8.91 9.23 3.95
C CYS A 274 9.68 8.45 2.88
N PRO A 275 9.05 7.42 2.31
CA PRO A 275 9.73 6.68 1.23
C PRO A 275 10.01 7.47 -0.04
N TYR A 276 9.32 8.60 -0.29
CA TYR A 276 9.71 9.46 -1.39
C TYR A 276 11.14 9.96 -1.25
N ILE A 277 11.46 10.56 -0.09
CA ILE A 277 12.78 11.12 0.13
C ILE A 277 13.77 10.02 0.49
N GLY A 278 13.32 9.04 1.28
CA GLY A 278 14.17 7.90 1.56
C GLY A 278 15.39 8.17 2.38
N GLN A 279 15.39 9.22 3.20
CA GLN A 279 16.54 9.55 4.05
C GLN A 279 16.07 9.67 5.49
N ALA A 280 17.02 9.58 6.41
CA ALA A 280 16.67 9.61 7.83
C ALA A 280 16.14 10.98 8.23
N ASN A 281 15.27 10.99 9.25
CA ASN A 281 14.89 12.21 9.94
C ASN A 281 14.30 13.27 9.00
N VAL A 282 13.20 12.91 8.32
CA VAL A 282 12.49 13.83 7.45
C VAL A 282 11.47 14.56 8.31
N GLU A 283 11.66 15.87 8.47
CA GLU A 283 10.88 16.66 9.42
C GLU A 283 9.48 16.97 8.89
N ILE A 284 8.48 16.77 9.75
CA ILE A 284 7.12 17.17 9.43
C ILE A 284 7.08 18.64 9.06
N ALA A 285 7.83 19.48 9.77
CA ALA A 285 7.84 20.91 9.56
C ALA A 285 8.41 21.31 8.20
N LYS A 286 9.14 20.41 7.54
CA LYS A 286 9.84 20.75 6.32
C LYS A 286 9.30 20.05 5.09
N ILE A 287 8.53 18.97 5.24
CA ILE A 287 8.28 18.10 4.08
C ILE A 287 7.63 18.86 2.93
N GLU A 288 6.70 19.77 3.22
CA GLU A 288 5.93 20.33 2.12
C GLU A 288 6.80 21.17 1.20
N ARG A 289 7.86 21.77 1.75
CA ARG A 289 8.79 22.56 0.95
C ARG A 289 9.81 21.70 0.20
N MET A 290 9.81 20.38 0.39
CA MET A 290 10.77 19.48 -0.23
C MET A 290 10.20 18.72 -1.43
N LEU A 291 8.96 18.97 -1.81
CA LEU A 291 8.27 18.20 -2.84
C LEU A 291 8.36 18.91 -4.18
N HIS A 292 7.96 18.19 -5.25
N HIS A 292 8.00 18.20 -5.24
CA HIS A 292 8.08 18.79 -6.57
CA HIS A 292 8.09 18.80 -6.56
C HIS A 292 7.10 19.96 -6.71
C HIS A 292 7.16 20.01 -6.64
N ALA A 293 7.42 20.86 -7.63
CA ALA A 293 6.64 22.09 -7.79
C ALA A 293 5.18 21.81 -8.10
N ARG A 294 4.86 20.65 -8.66
CA ARG A 294 3.45 20.35 -8.93
C ARG A 294 2.66 20.21 -7.65
N TYR A 295 3.30 19.74 -6.59
CA TYR A 295 2.59 19.65 -5.33
C TYR A 295 2.09 21.03 -4.89
N SER A 296 2.99 22.02 -4.86
CA SER A 296 2.62 23.36 -4.42
C SER A 296 1.51 23.95 -5.30
N ALA A 297 1.65 23.78 -6.62
CA ALA A 297 0.58 24.23 -7.50
C ALA A 297 -0.73 23.52 -7.20
N TYR A 298 -0.68 22.21 -6.95
CA TYR A 298 -1.91 21.47 -6.73
C TYR A 298 -2.62 21.94 -5.46
N VAL A 299 -1.87 22.18 -4.40
CA VAL A 299 -2.52 22.59 -3.15
C VAL A 299 -3.05 24.01 -3.29
N SER A 300 -2.29 24.87 -3.97
CA SER A 300 -2.75 26.23 -4.18
C SER A 300 -4.14 26.27 -4.82
N ASP A 301 -4.47 25.28 -5.65
CA ASP A 301 -5.76 25.23 -6.32
C ASP A 301 -6.73 24.24 -5.69
N ASN A 302 -6.29 23.51 -4.68
CA ASN A 302 -7.16 22.60 -3.93
C ASN A 302 -6.73 22.68 -2.47
N PRO A 303 -7.02 23.81 -1.81
CA PRO A 303 -6.36 24.12 -0.53
C PRO A 303 -6.73 23.17 0.58
N GLU A 304 -7.87 22.46 0.50
CA GLU A 304 -8.24 21.50 1.53
C GLU A 304 -7.67 20.11 1.24
N CYS A 305 -6.69 20.02 0.34
CA CYS A 305 -6.15 18.73 -0.08
C CYS A 305 -4.65 18.65 0.12
N SER A 306 -4.07 19.42 1.04
CA SER A 306 -2.67 19.23 1.37
C SER A 306 -2.52 18.06 2.33
N ILE A 307 -1.29 17.56 2.46
CA ILE A 307 -1.08 16.42 3.35
C ILE A 307 -1.44 16.79 4.79
N GLN A 308 -2.12 15.87 5.46
CA GLN A 308 -2.61 16.10 6.81
C GLN A 308 -1.48 15.76 7.77
N LEU A 309 -0.79 16.80 8.25
CA LEU A 309 0.38 16.62 9.11
C LEU A 309 0.11 16.81 10.59
N LYS A 310 -1.02 17.41 10.96
CA LYS A 310 -1.35 17.62 12.36
C LYS A 310 -2.04 16.38 12.93
N LYS A 311 -1.30 15.27 12.88
CA LYS A 311 -1.80 13.94 13.21
C LYS A 311 -0.74 13.20 14.01
N PRO A 312 -1.14 12.29 14.91
CA PRO A 312 -0.14 11.56 15.70
C PRO A 312 0.91 10.85 14.87
N MET A 313 0.53 10.29 13.72
CA MET A 313 1.43 9.43 12.94
C MET A 313 1.35 9.84 11.48
N VAL A 314 2.49 10.16 10.87
CA VAL A 314 2.55 10.61 9.48
C VAL A 314 3.41 9.65 8.68
N VAL A 315 2.79 8.96 7.74
CA VAL A 315 3.43 8.06 6.77
C VAL A 315 2.97 8.55 5.40
N GLN A 316 3.88 9.13 4.62
CA GLN A 316 3.53 9.74 3.34
C GLN A 316 3.59 8.72 2.20
N ASP A 317 2.49 8.61 1.46
CA ASP A 317 2.51 7.81 0.24
C ASP A 317 3.59 8.32 -0.70
N PRO A 318 4.41 7.44 -1.30
CA PRO A 318 5.54 7.93 -2.07
C PRO A 318 5.19 8.51 -3.44
N ILE A 319 3.95 8.33 -3.92
CA ILE A 319 3.51 8.86 -5.21
C ILE A 319 2.38 9.87 -5.04
N GLN A 320 1.37 9.53 -4.22
CA GLN A 320 0.29 10.48 -3.93
C GLN A 320 0.76 11.28 -2.72
N LEU A 321 1.52 12.33 -2.99
CA LEU A 321 2.32 12.98 -1.94
C LEU A 321 1.48 13.79 -0.96
N ASN A 322 0.20 14.04 -1.26
CA ASN A 322 -0.68 14.69 -0.31
C ASN A 322 -1.39 13.72 0.63
N HIS A 323 -1.02 12.44 0.65
CA HIS A 323 -1.76 11.44 1.42
C HIS A 323 -0.90 10.95 2.57
N ASN A 324 -1.28 11.33 3.79
CA ASN A 324 -0.81 10.65 4.99
C ASN A 324 -1.64 9.39 5.20
N VAL A 325 -1.06 8.24 4.88
CA VAL A 325 -1.82 7.00 4.88
C VAL A 325 -2.22 6.59 6.29
N THR A 326 -1.58 7.15 7.32
CA THR A 326 -1.89 6.84 8.70
C THR A 326 -2.65 7.96 9.40
N LYS A 327 -3.32 8.82 8.64
CA LYS A 327 -4.02 9.94 9.25
C LYS A 327 -5.09 9.50 10.24
N ALA A 328 -5.60 8.28 10.14
CA ALA A 328 -6.64 7.85 11.09
C ALA A 328 -6.10 7.29 12.41
N VAL A 329 -4.79 7.10 12.53
CA VAL A 329 -4.23 6.59 13.77
C VAL A 329 -4.42 7.62 14.87
N THR A 330 -4.90 7.17 16.03
CA THR A 330 -5.15 8.01 17.19
C THR A 330 -3.92 8.05 18.08
N LYS A 331 -3.92 8.96 19.06
CA LYS A 331 -2.84 8.96 20.03
C LYS A 331 -2.72 7.61 20.72
N TYR A 332 -3.85 7.03 21.15
CA TYR A 332 -3.76 5.72 21.81
C TYR A 332 -3.39 4.63 20.83
N GLY A 333 -3.87 4.72 19.59
CA GLY A 333 -3.47 3.72 18.61
C GLY A 333 -1.97 3.73 18.39
N LEU A 334 -1.37 4.92 18.35
CA LEU A 334 0.08 4.99 18.14
C LEU A 334 0.83 4.46 19.36
N GLN A 335 0.42 4.85 20.57
CA GLN A 335 1.03 4.28 21.77
C GLN A 335 0.95 2.77 21.75
N THR A 336 -0.18 2.24 21.28
CA THR A 336 -0.33 0.79 21.23
C THR A 336 0.67 0.18 20.25
N PHE A 337 0.75 0.75 19.05
CA PHE A 337 1.68 0.25 18.06
C PHE A 337 3.11 0.29 18.57
N VAL A 338 3.49 1.42 19.16
CA VAL A 338 4.86 1.61 19.69
C VAL A 338 5.17 0.58 20.77
N ASP A 339 4.23 0.39 21.67
CA ASP A 339 4.40 -0.61 22.72
C ASP A 339 4.52 -2.01 22.15
N TYR A 340 3.69 -2.33 21.15
CA TYR A 340 3.78 -3.65 20.53
C TYR A 340 5.11 -3.83 19.82
N CYS A 341 5.58 -2.79 19.14
CA CYS A 341 6.88 -2.84 18.49
C CYS A 341 7.98 -3.10 19.50
N GLN A 342 7.92 -2.38 20.62
CA GLN A 342 8.95 -2.52 21.65
C GLN A 342 8.99 -3.95 22.15
N GLN A 343 7.83 -4.52 22.48
CA GLN A 343 7.78 -5.87 23.00
C GLN A 343 8.16 -6.89 21.94
N THR A 344 7.83 -6.63 20.68
CA THR A 344 8.18 -7.57 19.61
C THR A 344 9.69 -7.57 19.40
N ALA A 345 10.31 -6.38 19.39
CA ALA A 345 11.76 -6.30 19.27
C ALA A 345 12.45 -7.08 20.36
N GLU A 346 11.95 -6.98 21.60
CA GLU A 346 12.52 -7.72 22.74
C GLU A 346 12.43 -9.23 22.53
N LEU A 347 11.29 -9.72 22.07
CA LEU A 347 11.12 -11.15 21.84
C LEU A 347 11.94 -11.66 20.68
N LEU A 348 12.34 -10.80 19.74
CA LEU A 348 13.18 -11.22 18.64
C LEU A 348 14.68 -11.18 18.95
N GLU A 349 15.07 -10.70 20.15
CA GLU A 349 16.49 -10.63 20.52
C GLU A 349 17.01 -12.02 20.83
N GLU A 350 18.32 -12.21 20.63
CA GLU A 350 18.94 -13.52 20.85
C GLU A 350 19.98 -13.47 21.98
#